data_5C9E
#
_entry.id   5C9E
#
_cell.length_a   84.320
_cell.length_b   84.320
_cell.length_c   238.960
_cell.angle_alpha   90.000
_cell.angle_beta   90.000
_cell.angle_gamma   90.000
#
_symmetry.space_group_name_H-M   'P 43 21 2'
#
loop_
_entity.id
_entity.type
_entity.pdbx_description
1 polymer SepL
2 non-polymer 'BROMIDE ION'
3 water water
#
_entity_poly.entity_id   1
_entity_poly.type   'polypeptide(L)'
_entity_poly.pdbx_seq_one_letter_code
;GSARKEEEGTTIEKLLNEMQELLTLTDSDKIKELSLKNSGLLEQHDPTLAMFGNMPKGEIVALISSLLQSKFVKIELKKK
YAKLLLDLLGEDDWELALLSWLGVGELNQEGIQKIKKLYEKAKDEDSENGASLLDWFMEIKDLPEREKHLKVIIRALSFD
LSYMSSFEDKVRTSSIISDLCRIIIFLSLNNYTDIIAISIKKDKDVILNEMLSIIEHVWLTEDWLLESPSRVSIVEDKHV
YYFHLLKEFFASLPDACFIDNEQRSNTLLMIGKVIDYKEDVM
;
_entity_poly.pdbx_strand_id   A,B
#
# COMPACT_ATOMS: atom_id res chain seq x y z
N THR A 11 12.61 19.04 -12.43
CA THR A 11 13.30 19.23 -13.71
C THR A 11 12.69 18.40 -14.86
N ILE A 12 12.97 18.79 -16.13
CA ILE A 12 12.51 18.11 -17.36
C ILE A 12 13.04 16.66 -17.38
N GLU A 13 14.32 16.50 -17.02
CA GLU A 13 15.06 15.25 -16.94
C GLU A 13 14.34 14.25 -16.02
N LYS A 14 14.00 14.67 -14.79
CA LYS A 14 13.27 13.84 -13.83
C LYS A 14 11.78 13.70 -14.17
N LEU A 15 11.20 14.73 -14.85
CA LEU A 15 9.80 14.72 -15.31
C LEU A 15 9.60 13.52 -16.23
N LEU A 16 10.50 13.34 -17.23
CA LEU A 16 10.46 12.19 -18.14
C LEU A 16 10.44 10.90 -17.35
N ASN A 17 11.35 10.76 -16.36
CA ASN A 17 11.41 9.57 -15.54
C ASN A 17 10.08 9.27 -14.80
N GLU A 18 9.43 10.34 -14.25
CA GLU A 18 8.13 10.27 -13.56
C GLU A 18 7.04 9.89 -14.55
N MET A 19 7.10 10.46 -15.78
CA MET A 19 6.16 10.16 -16.86
C MET A 19 6.26 8.69 -17.26
N GLN A 20 7.49 8.15 -17.40
CA GLN A 20 7.76 6.75 -17.71
C GLN A 20 7.36 5.83 -16.54
N GLU A 21 7.58 6.29 -15.30
CA GLU A 21 7.25 5.57 -14.07
C GLU A 21 5.73 5.42 -14.01
N LEU A 22 5.00 6.51 -14.33
CA LEU A 22 3.53 6.52 -14.37
C LEU A 22 3.03 5.63 -15.51
N LEU A 23 3.76 5.66 -16.64
CA LEU A 23 3.45 4.88 -17.83
C LEU A 23 3.55 3.39 -17.63
N THR A 24 4.39 2.96 -16.67
CA THR A 24 4.57 1.54 -16.33
C THR A 24 3.53 1.07 -15.33
N LEU A 25 2.94 2.00 -14.55
CA LEU A 25 1.84 1.68 -13.62
C LEU A 25 0.62 1.24 -14.42
N THR A 26 0.27 2.02 -15.49
CA THR A 26 -0.78 1.68 -16.45
C THR A 26 -0.12 0.70 -17.42
N ASP A 27 -0.90 -0.19 -18.02
CA ASP A 27 -0.30 -1.11 -19.00
C ASP A 27 -1.14 -1.10 -20.26
N SER A 28 -1.51 0.12 -20.71
CA SER A 28 -2.37 0.37 -21.85
C SER A 28 -1.83 -0.27 -23.10
N ASP A 29 -2.65 -1.17 -23.66
CA ASP A 29 -2.35 -1.90 -24.89
C ASP A 29 -2.43 -0.92 -26.06
N LYS A 30 -3.20 0.21 -25.86
CA LYS A 30 -3.31 1.37 -26.77
C LYS A 30 -1.90 1.78 -27.21
N ILE A 31 -0.98 2.00 -26.23
CA ILE A 31 0.42 2.39 -26.40
C ILE A 31 1.22 1.36 -27.22
N LYS A 32 1.08 0.06 -26.90
CA LYS A 32 1.81 -1.02 -27.60
C LYS A 32 1.32 -1.26 -29.03
N GLU A 33 -0.01 -1.27 -29.25
CA GLU A 33 -0.67 -1.42 -30.56
C GLU A 33 -0.15 -0.35 -31.55
N LEU A 34 0.02 0.90 -31.04
CA LEU A 34 0.50 2.08 -31.74
C LEU A 34 1.81 1.87 -32.49
N SER A 35 1.81 2.24 -33.79
CA SER A 35 2.93 2.12 -34.72
C SER A 35 4.17 2.89 -34.28
N LEU A 36 3.97 4.21 -34.08
CA LEU A 36 4.92 5.28 -33.76
C LEU A 36 5.79 5.52 -34.97
N LYS A 37 6.37 4.44 -35.52
CA LYS A 37 7.21 4.48 -36.70
C LYS A 37 6.53 5.30 -37.80
N ASN A 38 5.33 4.88 -38.20
CA ASN A 38 4.58 5.51 -39.27
C ASN A 38 3.65 6.68 -38.87
N SER A 39 3.68 7.09 -37.57
CA SER A 39 2.91 8.21 -37.04
C SER A 39 3.46 9.52 -37.60
N GLY A 40 4.80 9.53 -37.76
CA GLY A 40 5.59 10.64 -38.27
C GLY A 40 6.19 11.52 -37.20
N LEU A 41 6.04 11.14 -35.90
CA LEU A 41 6.53 11.90 -34.73
C LEU A 41 8.04 12.14 -34.69
N LEU A 42 8.77 11.39 -35.50
CA LEU A 42 10.21 11.45 -35.72
C LEU A 42 10.32 12.05 -37.17
N GLU A 43 10.37 13.40 -37.34
CA GLU A 43 10.55 14.47 -36.34
C GLU A 43 9.23 15.25 -36.11
N ASP A 46 12.00 18.36 -35.47
CA ASP A 46 11.92 17.87 -34.09
C ASP A 46 11.11 18.80 -33.17
N PRO A 47 11.33 20.15 -33.09
CA PRO A 47 10.45 20.97 -32.22
C PRO A 47 8.99 20.88 -32.69
N THR A 48 8.15 20.25 -31.85
CA THR A 48 6.76 19.96 -32.16
C THR A 48 5.77 20.69 -31.29
N LEU A 49 4.50 20.79 -31.77
CA LEU A 49 3.41 21.45 -31.06
C LEU A 49 2.11 20.62 -31.20
N ALA A 50 1.01 21.24 -31.71
CA ALA A 50 -0.24 20.54 -31.95
C ALA A 50 -0.50 20.47 -33.48
N MET A 51 0.07 19.41 -34.04
CA MET A 51 0.01 18.99 -35.41
C MET A 51 -1.12 17.99 -35.53
N PHE A 52 -1.49 17.44 -34.37
CA PHE A 52 -2.54 16.45 -34.15
C PHE A 52 -3.94 17.01 -34.49
N GLY A 53 -4.14 18.32 -34.27
CA GLY A 53 -5.41 19.01 -34.52
C GLY A 53 -6.60 18.33 -33.86
N ASN A 54 -7.60 17.96 -34.68
CA ASN A 54 -8.86 17.29 -34.35
C ASN A 54 -8.74 16.09 -33.39
N MET A 55 -7.57 15.44 -33.41
CA MET A 55 -7.27 14.25 -32.63
C MET A 55 -7.73 14.35 -31.16
N PRO A 56 -8.41 13.31 -30.61
CA PRO A 56 -8.85 13.39 -29.20
C PRO A 56 -7.69 13.31 -28.23
N LYS A 57 -7.82 14.00 -27.07
CA LYS A 57 -6.78 14.11 -26.05
C LYS A 57 -6.18 12.76 -25.73
N GLY A 58 -7.04 11.82 -25.35
CA GLY A 58 -6.69 10.44 -25.01
C GLY A 58 -5.76 9.76 -26.01
N GLU A 59 -5.97 10.04 -27.33
CA GLU A 59 -5.19 9.48 -28.43
C GLU A 59 -3.83 10.17 -28.64
N ILE A 60 -3.75 11.50 -28.42
CA ILE A 60 -2.53 12.31 -28.51
C ILE A 60 -1.63 11.87 -27.34
N VAL A 61 -2.26 11.75 -26.13
CA VAL A 61 -1.62 11.33 -24.88
C VAL A 61 -0.95 9.96 -25.08
N ALA A 62 -1.70 8.97 -25.62
CA ALA A 62 -1.19 7.60 -25.85
C ALA A 62 -0.08 7.55 -26.88
N LEU A 63 -0.20 8.36 -27.94
CA LEU A 63 0.75 8.49 -29.02
C LEU A 63 2.04 9.08 -28.50
N ILE A 64 1.97 10.14 -27.68
CA ILE A 64 3.18 10.75 -27.08
C ILE A 64 3.90 9.72 -26.23
N SER A 65 3.11 9.02 -25.40
CA SER A 65 3.58 7.96 -24.52
C SER A 65 4.23 6.84 -25.34
N SER A 66 3.67 6.53 -26.52
CA SER A 66 4.26 5.50 -27.35
C SER A 66 5.70 5.85 -27.68
N LEU A 67 6.00 7.16 -27.80
CA LEU A 67 7.35 7.65 -28.11
C LEU A 67 8.20 7.63 -26.87
N LEU A 68 7.63 8.05 -25.73
CA LEU A 68 8.31 8.11 -24.43
C LEU A 68 8.77 6.72 -24.01
N GLN A 69 7.91 5.73 -24.23
CA GLN A 69 8.17 4.34 -23.88
C GLN A 69 9.06 3.63 -24.92
N SER A 70 9.44 4.34 -26.01
CA SER A 70 10.23 3.75 -27.11
C SER A 70 11.60 3.22 -26.75
N LYS A 71 11.89 2.02 -27.23
CA LYS A 71 13.15 1.36 -26.96
C LYS A 71 14.33 1.89 -27.77
N PHE A 72 14.09 2.63 -28.88
CA PHE A 72 15.16 3.16 -29.74
C PHE A 72 15.28 4.68 -29.76
N VAL A 73 14.20 5.40 -29.45
CA VAL A 73 14.18 6.88 -29.47
C VAL A 73 15.17 7.50 -28.49
N LYS A 74 15.90 8.53 -28.97
CA LYS A 74 16.86 9.29 -28.18
C LYS A 74 16.17 10.05 -27.03
N ILE A 75 16.83 10.10 -25.85
CA ILE A 75 16.36 10.80 -24.64
C ILE A 75 16.17 12.30 -24.87
N GLU A 76 16.95 12.87 -25.81
CA GLU A 76 16.87 14.29 -26.18
C GLU A 76 15.47 14.57 -26.74
N LEU A 77 15.00 13.73 -27.69
CA LEU A 77 13.67 13.84 -28.30
C LEU A 77 12.54 13.50 -27.32
N LYS A 78 12.77 12.50 -26.45
CA LYS A 78 11.83 12.08 -25.43
C LYS A 78 11.52 13.27 -24.51
N LYS A 79 12.55 14.05 -24.15
CA LYS A 79 12.45 15.27 -23.32
C LYS A 79 11.59 16.34 -24.01
N LYS A 80 11.78 16.54 -25.33
CA LYS A 80 11.04 17.52 -26.12
C LYS A 80 9.55 17.17 -26.09
N TYR A 81 9.22 15.87 -26.25
CA TYR A 81 7.83 15.40 -26.23
C TYR A 81 7.23 15.38 -24.83
N ALA A 82 8.07 15.11 -23.80
CA ALA A 82 7.66 15.07 -22.38
C ALA A 82 7.08 16.42 -21.95
N LYS A 83 7.81 17.52 -22.28
CA LYS A 83 7.45 18.92 -22.02
C LYS A 83 6.14 19.24 -22.72
N LEU A 84 6.00 18.76 -23.97
CA LEU A 84 4.83 18.97 -24.79
C LEU A 84 3.55 18.35 -24.20
N LEU A 85 3.67 17.13 -23.63
CA LEU A 85 2.58 16.37 -22.99
C LEU A 85 2.15 17.13 -21.74
N LEU A 86 3.15 17.66 -20.99
CA LEU A 86 2.98 18.46 -19.79
C LEU A 86 2.24 19.78 -20.08
N ASP A 87 2.24 20.24 -21.32
CA ASP A 87 1.50 21.43 -21.74
C ASP A 87 0.07 21.03 -22.07
N LEU A 88 -0.12 19.86 -22.75
CA LEU A 88 -1.43 19.33 -23.15
C LEU A 88 -2.26 19.05 -21.90
N LEU A 89 -1.66 18.33 -20.93
CA LEU A 89 -2.27 18.04 -19.62
C LEU A 89 -2.04 19.33 -18.83
N GLY A 90 -2.77 19.54 -17.75
CA GLY A 90 -2.55 20.73 -16.94
C GLY A 90 -1.35 20.54 -16.02
N GLU A 91 -0.49 21.59 -15.85
CA GLU A 91 0.69 21.59 -14.96
C GLU A 91 0.35 21.12 -13.52
N ASP A 92 -0.90 21.38 -13.08
CA ASP A 92 -1.44 21.01 -11.78
C ASP A 92 -2.09 19.64 -11.90
N ASP A 93 -1.65 18.69 -11.05
CA ASP A 93 -2.14 17.31 -10.99
C ASP A 93 -2.01 16.53 -12.34
N TRP A 94 -0.96 16.87 -13.15
CA TRP A 94 -0.68 16.25 -14.45
C TRP A 94 -0.54 14.74 -14.36
N GLU A 95 0.00 14.26 -13.22
CA GLU A 95 0.22 12.85 -12.91
C GLU A 95 -1.11 12.16 -13.00
N LEU A 96 -2.09 12.69 -12.24
CA LEU A 96 -3.45 12.16 -12.22
C LEU A 96 -4.11 12.27 -13.59
N ALA A 97 -3.85 13.39 -14.30
CA ALA A 97 -4.39 13.63 -15.62
C ALA A 97 -3.90 12.58 -16.61
N LEU A 98 -2.57 12.32 -16.60
CA LEU A 98 -1.93 11.34 -17.46
C LEU A 98 -2.56 9.98 -17.24
N LEU A 99 -2.67 9.60 -15.95
CA LEU A 99 -3.25 8.32 -15.55
C LEU A 99 -4.67 8.17 -15.97
N SER A 100 -5.44 9.29 -15.93
CA SER A 100 -6.85 9.32 -16.32
C SER A 100 -7.01 9.12 -17.83
N TRP A 101 -6.32 9.97 -18.64
CA TRP A 101 -6.35 9.92 -20.10
C TRP A 101 -5.89 8.60 -20.71
N LEU A 102 -5.01 7.88 -20.02
CA LEU A 102 -4.54 6.58 -20.47
C LEU A 102 -5.42 5.46 -19.93
N GLY A 103 -5.83 5.58 -18.66
CA GLY A 103 -6.61 4.58 -17.94
C GLY A 103 -8.07 4.44 -18.35
N VAL A 104 -8.70 5.55 -18.72
CA VAL A 104 -10.11 5.55 -19.09
C VAL A 104 -10.29 5.67 -20.63
N GLY A 105 -11.12 4.77 -21.17
CA GLY A 105 -11.48 4.74 -22.59
C GLY A 105 -12.33 5.94 -22.98
N GLU A 106 -13.56 6.00 -22.43
CA GLU A 106 -14.48 7.12 -22.65
C GLU A 106 -14.33 8.14 -21.51
N LEU A 107 -13.26 8.95 -21.59
CA LEU A 107 -12.99 9.91 -20.54
C LEU A 107 -13.61 11.28 -20.82
N ASN A 108 -14.65 11.59 -20.06
CA ASN A 108 -15.42 12.84 -20.13
C ASN A 108 -15.23 13.64 -18.82
N GLN A 109 -15.59 14.95 -18.84
CA GLN A 109 -15.47 15.88 -17.71
C GLN A 109 -16.09 15.42 -16.39
N GLU A 110 -17.10 14.52 -16.45
CA GLU A 110 -17.75 13.93 -15.27
C GLU A 110 -16.74 13.00 -14.58
N GLY A 111 -16.00 12.23 -15.37
CA GLY A 111 -14.96 11.32 -14.91
C GLY A 111 -13.75 12.05 -14.37
N ILE A 112 -13.25 13.07 -15.13
CA ILE A 112 -12.09 13.89 -14.72
C ILE A 112 -12.32 14.49 -13.37
N GLN A 113 -13.51 15.08 -13.18
CA GLN A 113 -13.83 15.73 -11.93
C GLN A 113 -13.95 14.72 -10.82
N LYS A 114 -14.63 13.57 -11.06
CA LYS A 114 -14.83 12.51 -10.07
C LYS A 114 -13.54 11.96 -9.57
N ILE A 115 -12.67 11.58 -10.54
CA ILE A 115 -11.34 11.02 -10.29
C ILE A 115 -10.60 12.02 -9.42
N LYS A 116 -10.53 13.31 -9.85
CA LYS A 116 -9.90 14.39 -9.09
C LYS A 116 -10.46 14.48 -7.65
N LYS A 117 -11.81 14.39 -7.48
CA LYS A 117 -12.49 14.42 -6.19
C LYS A 117 -12.07 13.27 -5.31
N LEU A 118 -12.11 12.05 -5.87
CA LEU A 118 -11.77 10.81 -5.16
C LEU A 118 -10.34 10.83 -4.66
N TYR A 119 -9.43 11.39 -5.49
CA TYR A 119 -8.03 11.54 -5.19
C TYR A 119 -7.80 12.54 -4.04
N GLU A 120 -8.42 13.75 -4.09
CA GLU A 120 -8.23 14.77 -3.05
C GLU A 120 -8.81 14.28 -1.73
N LYS A 121 -9.86 13.42 -1.81
CA LYS A 121 -10.52 12.77 -0.68
C LYS A 121 -9.49 11.88 -0.03
N ALA A 122 -8.85 11.00 -0.83
CA ALA A 122 -7.83 10.06 -0.35
C ALA A 122 -6.64 10.76 0.32
N LYS A 123 -6.36 12.01 -0.12
CA LYS A 123 -5.24 12.82 0.36
C LYS A 123 -5.45 13.66 1.65
N ASP A 124 -6.70 13.70 2.19
CA ASP A 124 -7.03 14.42 3.43
C ASP A 124 -6.41 13.74 4.66
N ALA A 131 -13.95 7.82 5.67
CA ALA A 131 -13.85 7.03 4.44
C ALA A 131 -13.72 5.50 4.70
N SER A 132 -14.78 4.76 4.32
CA SER A 132 -14.89 3.30 4.44
C SER A 132 -15.10 2.71 3.05
N LEU A 133 -15.05 1.35 2.90
CA LEU A 133 -15.22 0.79 1.55
C LEU A 133 -16.56 1.01 0.89
N LEU A 134 -17.63 1.23 1.68
CA LEU A 134 -18.92 1.58 1.11
C LEU A 134 -18.92 3.02 0.54
N ASP A 135 -18.36 3.99 1.32
CA ASP A 135 -18.20 5.41 0.96
C ASP A 135 -17.55 5.54 -0.40
N TRP A 136 -16.50 4.72 -0.63
CA TRP A 136 -15.76 4.67 -1.89
C TRP A 136 -16.60 4.08 -3.01
N PHE A 137 -17.28 2.95 -2.75
CA PHE A 137 -18.15 2.30 -3.73
C PHE A 137 -19.29 3.22 -4.15
N MET A 138 -19.93 3.89 -3.19
CA MET A 138 -21.04 4.80 -3.43
C MET A 138 -20.67 6.00 -4.29
N GLU A 139 -19.38 6.38 -4.30
CA GLU A 139 -18.89 7.48 -5.11
C GLU A 139 -18.71 7.06 -6.58
N ILE A 140 -18.08 5.90 -6.78
CA ILE A 140 -17.81 5.37 -8.12
C ILE A 140 -18.94 4.55 -8.75
N LYS A 141 -19.96 4.16 -7.93
CA LYS A 141 -21.14 3.35 -8.29
C LYS A 141 -21.71 3.61 -9.70
N ASP A 142 -22.08 4.87 -9.98
CA ASP A 142 -22.69 5.22 -11.26
C ASP A 142 -21.74 5.94 -12.23
N LEU A 143 -20.64 5.25 -12.57
CA LEU A 143 -19.58 5.76 -13.44
C LEU A 143 -19.34 4.85 -14.64
N PRO A 144 -19.20 5.43 -15.87
CA PRO A 144 -18.89 4.58 -17.04
C PRO A 144 -17.46 4.05 -16.87
N GLU A 145 -17.27 2.73 -16.99
CA GLU A 145 -15.97 2.08 -16.79
C GLU A 145 -15.52 2.45 -15.37
N ARG A 146 -16.41 2.20 -14.39
CA ARG A 146 -16.16 2.48 -12.96
C ARG A 146 -14.93 1.75 -12.46
N GLU A 147 -14.69 0.51 -12.94
CA GLU A 147 -13.53 -0.32 -12.63
C GLU A 147 -12.23 0.47 -12.94
N LYS A 148 -12.20 1.02 -14.17
CA LYS A 148 -11.12 1.80 -14.77
C LYS A 148 -10.84 3.07 -13.98
N HIS A 149 -11.91 3.83 -13.64
CA HIS A 149 -11.89 5.07 -12.84
C HIS A 149 -11.23 4.84 -11.49
N LEU A 150 -11.55 3.70 -10.87
CA LEU A 150 -11.01 3.26 -9.58
C LEU A 150 -9.53 2.86 -9.68
N LYS A 151 -9.19 2.09 -10.74
CA LYS A 151 -7.81 1.65 -11.02
C LYS A 151 -6.88 2.85 -11.20
N VAL A 152 -7.42 4.00 -11.73
CA VAL A 152 -6.68 5.27 -11.88
C VAL A 152 -6.20 5.75 -10.48
N ILE A 153 -7.14 5.91 -9.53
CA ILE A 153 -6.83 6.32 -8.15
C ILE A 153 -5.82 5.38 -7.51
N ILE A 154 -6.01 4.05 -7.68
CA ILE A 154 -5.07 3.08 -7.13
C ILE A 154 -3.62 3.36 -7.60
N ARG A 155 -3.43 3.51 -8.93
CA ARG A 155 -2.13 3.80 -9.55
C ARG A 155 -1.54 5.07 -8.97
N ALA A 156 -2.35 6.16 -8.92
CA ALA A 156 -2.00 7.46 -8.40
C ALA A 156 -1.47 7.32 -6.97
N LEU A 157 -2.26 6.71 -6.10
CA LEU A 157 -1.88 6.52 -4.71
C LEU A 157 -0.63 5.67 -4.54
N SER A 158 -0.50 4.58 -5.31
CA SER A 158 0.72 3.75 -5.22
C SER A 158 1.95 4.47 -5.76
N PHE A 159 1.75 5.43 -6.69
CA PHE A 159 2.83 6.26 -7.21
C PHE A 159 3.32 7.18 -6.08
N ASP A 160 2.37 7.90 -5.45
CA ASP A 160 2.62 8.85 -4.37
C ASP A 160 3.30 8.21 -3.18
N LEU A 161 2.90 6.98 -2.85
CA LEU A 161 3.40 6.21 -1.71
C LEU A 161 4.94 6.16 -1.64
N SER A 162 5.59 5.99 -2.79
CA SER A 162 7.05 5.96 -2.90
C SER A 162 7.73 7.34 -2.72
N TYR A 163 6.96 8.39 -2.45
CA TYR A 163 7.45 9.76 -2.32
C TYR A 163 7.11 10.36 -0.94
N MET A 164 6.26 9.67 -0.17
CA MET A 164 5.80 10.12 1.15
C MET A 164 6.87 10.06 2.20
N SER A 165 6.92 11.08 3.06
CA SER A 165 7.90 11.12 4.15
C SER A 165 7.28 10.49 5.41
N SER A 166 6.07 10.96 5.81
CA SER A 166 5.33 10.53 6.98
C SER A 166 4.83 9.11 6.88
N PHE A 167 5.06 8.34 7.94
CA PHE A 167 4.59 6.98 8.10
C PHE A 167 3.09 6.99 8.35
N GLU A 168 2.58 8.10 8.95
CA GLU A 168 1.16 8.32 9.19
C GLU A 168 0.45 8.46 7.83
N ASP A 169 1.09 9.19 6.89
CA ASP A 169 0.56 9.37 5.53
C ASP A 169 0.61 8.04 4.81
N LYS A 170 1.78 7.33 4.94
CA LYS A 170 2.04 5.99 4.40
C LYS A 170 0.96 5.02 4.86
N VAL A 171 0.62 5.02 6.17
CA VAL A 171 -0.43 4.15 6.69
C VAL A 171 -1.74 4.47 6.01
N ARG A 172 -2.18 5.74 6.05
CA ARG A 172 -3.44 6.19 5.43
C ARG A 172 -3.51 5.81 3.97
N THR A 173 -2.47 6.12 3.21
CA THR A 173 -2.37 5.87 1.78
C THR A 173 -2.45 4.41 1.41
N SER A 174 -1.57 3.57 2.00
CA SER A 174 -1.55 2.13 1.72
C SER A 174 -2.87 1.49 2.09
N SER A 175 -3.45 1.91 3.26
CA SER A 175 -4.75 1.45 3.78
C SER A 175 -5.86 1.67 2.73
N ILE A 176 -5.90 2.86 2.09
CA ILE A 176 -6.89 3.16 1.05
C ILE A 176 -6.67 2.26 -0.17
N ILE A 177 -5.38 2.06 -0.57
CA ILE A 177 -5.03 1.19 -1.69
C ILE A 177 -5.67 -0.21 -1.49
N SER A 178 -5.52 -0.79 -0.27
CA SER A 178 -6.11 -2.09 0.11
C SER A 178 -7.61 -2.08 -0.10
N ASP A 179 -8.29 -1.04 0.44
CA ASP A 179 -9.74 -0.90 0.35
C ASP A 179 -10.23 -0.70 -1.09
N LEU A 180 -9.48 0.05 -1.89
CA LEU A 180 -9.87 0.27 -3.28
C LEU A 180 -9.71 -1.00 -4.10
N CYS A 181 -8.63 -1.75 -3.85
CA CYS A 181 -8.37 -3.04 -4.50
C CYS A 181 -9.43 -4.04 -4.08
N ARG A 182 -9.86 -3.97 -2.80
CA ARG A 182 -10.93 -4.80 -2.23
C ARG A 182 -12.21 -4.59 -3.07
N ILE A 183 -12.62 -3.32 -3.29
CA ILE A 183 -13.79 -2.98 -4.12
C ILE A 183 -13.61 -3.57 -5.53
N ILE A 184 -12.43 -3.36 -6.14
CA ILE A 184 -12.09 -3.93 -7.45
C ILE A 184 -12.41 -5.46 -7.47
N ILE A 185 -11.98 -6.20 -6.42
CA ILE A 185 -12.24 -7.64 -6.29
C ILE A 185 -13.74 -7.90 -6.23
N PHE A 186 -14.47 -7.17 -5.36
CA PHE A 186 -15.93 -7.27 -5.23
C PHE A 186 -16.69 -7.04 -6.55
N LEU A 187 -16.28 -6.02 -7.34
CA LEU A 187 -16.86 -5.70 -8.64
C LEU A 187 -16.63 -6.83 -9.67
N SER A 188 -15.43 -7.43 -9.63
CA SER A 188 -15.00 -8.54 -10.49
C SER A 188 -15.73 -9.87 -10.25
N LEU A 189 -16.73 -9.90 -9.36
CA LEU A 189 -17.41 -11.18 -9.05
C LEU A 189 -18.81 -11.29 -9.57
N ASN A 190 -19.19 -12.52 -9.97
CA ASN A 190 -20.59 -12.79 -10.23
C ASN A 190 -21.11 -14.11 -9.70
N ASN A 191 -21.40 -14.10 -8.39
CA ASN A 191 -22.00 -15.16 -7.59
C ASN A 191 -23.36 -14.70 -7.01
N TYR A 192 -23.59 -13.36 -6.91
CA TYR A 192 -24.85 -12.82 -6.38
C TYR A 192 -26.12 -13.04 -7.20
N THR A 193 -26.01 -13.66 -8.38
CA THR A 193 -27.12 -13.96 -9.27
C THR A 193 -28.37 -14.54 -8.57
N ASP A 194 -28.16 -15.47 -7.60
CA ASP A 194 -29.22 -16.15 -6.84
C ASP A 194 -29.81 -15.25 -5.77
N ILE A 195 -29.01 -14.33 -5.21
CA ILE A 195 -29.44 -13.35 -4.21
C ILE A 195 -30.24 -12.25 -4.95
N ILE A 196 -29.66 -11.71 -6.06
CA ILE A 196 -30.27 -10.70 -6.95
C ILE A 196 -31.63 -11.23 -7.42
N ALA A 197 -31.71 -12.55 -7.69
CA ALA A 197 -32.92 -13.24 -8.11
C ALA A 197 -34.06 -13.08 -7.11
N ILE A 198 -33.78 -13.31 -5.81
CA ILE A 198 -34.77 -13.27 -4.72
C ILE A 198 -35.08 -11.87 -4.16
N SER A 199 -34.38 -10.83 -4.68
CA SER A 199 -34.61 -9.43 -4.29
C SER A 199 -35.71 -8.76 -5.14
N ILE A 200 -36.51 -7.88 -4.52
CA ILE A 200 -37.61 -7.16 -5.17
C ILE A 200 -37.09 -6.20 -6.25
N LYS A 201 -36.08 -5.37 -5.88
CA LYS A 201 -35.51 -4.37 -6.77
C LYS A 201 -34.71 -4.96 -7.91
N LYS A 202 -34.18 -6.19 -7.73
CA LYS A 202 -33.38 -6.93 -8.70
C LYS A 202 -32.07 -6.28 -9.17
N ASP A 203 -31.60 -5.24 -8.43
CA ASP A 203 -30.35 -4.51 -8.71
C ASP A 203 -29.17 -5.22 -8.04
N LYS A 204 -28.08 -5.41 -8.82
CA LYS A 204 -26.84 -6.01 -8.34
C LYS A 204 -26.24 -5.10 -7.27
N ASP A 205 -26.18 -3.79 -7.55
CA ASP A 205 -25.64 -2.75 -6.68
C ASP A 205 -26.24 -2.72 -5.26
N VAL A 206 -27.56 -2.97 -5.12
CA VAL A 206 -28.23 -2.98 -3.81
C VAL A 206 -27.74 -4.15 -2.95
N ILE A 207 -27.48 -5.29 -3.61
CA ILE A 207 -26.94 -6.52 -3.00
C ILE A 207 -25.46 -6.28 -2.66
N LEU A 208 -24.71 -5.75 -3.64
CA LEU A 208 -23.28 -5.44 -3.53
C LEU A 208 -23.02 -4.49 -2.36
N ASN A 209 -23.88 -3.46 -2.22
CA ASN A 209 -23.82 -2.50 -1.11
C ASN A 209 -23.92 -3.26 0.23
N GLU A 210 -24.91 -4.17 0.35
CA GLU A 210 -25.13 -4.97 1.54
C GLU A 210 -23.92 -5.84 1.92
N MET A 211 -23.26 -6.45 0.91
CA MET A 211 -22.10 -7.30 1.11
C MET A 211 -21.00 -6.48 1.73
N LEU A 212 -20.77 -5.24 1.20
CA LEU A 212 -19.77 -4.30 1.69
C LEU A 212 -20.06 -3.83 3.11
N SER A 213 -21.36 -3.71 3.48
CA SER A 213 -21.79 -3.32 4.82
C SER A 213 -21.42 -4.39 5.83
N ILE A 214 -21.58 -5.67 5.46
CA ILE A 214 -21.27 -6.82 6.31
C ILE A 214 -19.75 -6.85 6.61
N ILE A 215 -18.95 -6.45 5.61
CA ILE A 215 -17.47 -6.37 5.70
C ILE A 215 -17.09 -5.14 6.55
N GLU A 216 -17.85 -4.05 6.42
CA GLU A 216 -17.69 -2.80 7.16
C GLU A 216 -17.99 -3.07 8.65
N HIS A 217 -19.10 -3.78 8.92
CA HIS A 217 -19.54 -4.17 10.26
C HIS A 217 -18.69 -5.34 10.73
N VAL A 218 -17.46 -5.01 11.16
CA VAL A 218 -16.48 -5.95 11.71
C VAL A 218 -17.08 -6.48 13.03
N TRP A 219 -17.76 -5.59 13.78
CA TRP A 219 -18.48 -5.91 15.01
C TRP A 219 -19.93 -6.27 14.63
N LEU A 220 -20.05 -7.40 13.93
CA LEU A 220 -21.29 -7.95 13.40
C LEU A 220 -22.16 -8.40 14.54
N THR A 221 -23.38 -7.83 14.62
CA THR A 221 -24.37 -8.17 15.65
C THR A 221 -25.49 -9.02 15.07
N GLU A 222 -26.06 -9.91 15.88
CA GLU A 222 -27.16 -10.80 15.49
C GLU A 222 -28.36 -9.94 15.08
N ASP A 223 -28.60 -8.84 15.83
CA ASP A 223 -29.67 -7.85 15.64
C ASP A 223 -29.56 -7.14 14.30
N TRP A 224 -28.34 -6.70 13.93
CA TRP A 224 -28.08 -6.02 12.66
C TRP A 224 -28.23 -7.03 11.51
N LEU A 225 -27.45 -8.12 11.55
CA LEU A 225 -27.47 -9.17 10.54
C LEU A 225 -28.88 -9.71 10.25
N LEU A 226 -29.73 -9.87 11.28
CA LEU A 226 -31.11 -10.35 11.12
C LEU A 226 -31.98 -9.46 10.20
N GLU A 227 -31.75 -8.13 10.21
CA GLU A 227 -32.51 -7.20 9.37
C GLU A 227 -31.87 -6.99 7.96
N SER A 228 -30.93 -7.87 7.59
CA SER A 228 -30.25 -7.86 6.29
C SER A 228 -31.18 -8.10 5.08
N PRO A 229 -32.14 -9.07 5.08
CA PRO A 229 -33.00 -9.25 3.89
C PRO A 229 -34.02 -8.13 3.73
N SER A 230 -34.23 -7.34 4.79
CA SER A 230 -35.14 -6.21 4.85
C SER A 230 -34.51 -4.98 4.18
N ARG A 231 -33.16 -4.86 4.26
CA ARG A 231 -32.43 -3.75 3.64
C ARG A 231 -32.45 -3.93 2.14
N VAL A 232 -32.10 -5.16 1.69
CA VAL A 232 -32.04 -5.55 0.28
C VAL A 232 -33.41 -5.87 -0.33
N SER A 233 -34.48 -5.78 0.50
CA SER A 233 -35.85 -6.05 0.09
C SER A 233 -35.97 -7.42 -0.62
N ILE A 234 -35.75 -8.50 0.16
CA ILE A 234 -35.85 -9.87 -0.32
C ILE A 234 -37.32 -10.22 -0.18
N VAL A 235 -37.89 -10.89 -1.21
CA VAL A 235 -39.29 -11.31 -1.25
C VAL A 235 -39.69 -12.12 -0.03
N GLU A 236 -40.93 -11.91 0.46
CA GLU A 236 -41.46 -12.58 1.65
C GLU A 236 -41.36 -14.10 1.54
N ASP A 237 -41.12 -14.74 2.72
CA ASP A 237 -40.92 -16.18 2.97
C ASP A 237 -39.49 -16.64 2.65
N LYS A 238 -38.95 -16.16 1.51
CA LYS A 238 -37.62 -16.41 0.95
C LYS A 238 -36.47 -15.73 1.75
N HIS A 239 -36.72 -15.38 3.04
CA HIS A 239 -35.76 -14.72 3.92
C HIS A 239 -34.73 -15.63 4.55
N VAL A 240 -35.08 -16.90 4.80
CA VAL A 240 -34.17 -17.92 5.33
C VAL A 240 -33.16 -18.33 4.26
N TYR A 241 -33.68 -18.68 3.05
CA TYR A 241 -32.93 -19.05 1.85
C TYR A 241 -31.86 -18.00 1.57
N TYR A 242 -32.22 -16.71 1.76
CA TYR A 242 -31.31 -15.59 1.60
C TYR A 242 -30.08 -15.78 2.46
N PHE A 243 -30.27 -16.10 3.75
CA PHE A 243 -29.17 -16.32 4.69
C PHE A 243 -28.33 -17.53 4.30
N HIS A 244 -28.97 -18.59 3.75
CA HIS A 244 -28.25 -19.76 3.27
C HIS A 244 -27.33 -19.41 2.11
N LEU A 245 -27.79 -18.51 1.22
CA LEU A 245 -27.06 -18.03 0.04
C LEU A 245 -25.92 -17.10 0.45
N LEU A 246 -26.13 -16.40 1.57
CA LEU A 246 -25.23 -15.43 2.17
C LEU A 246 -24.05 -16.13 2.77
N LYS A 247 -24.31 -17.23 3.50
CA LYS A 247 -23.27 -18.06 4.11
C LYS A 247 -22.41 -18.62 2.95
N GLU A 248 -23.09 -19.19 1.92
CA GLU A 248 -22.54 -19.74 0.69
C GLU A 248 -21.63 -18.71 -0.01
N PHE A 249 -22.09 -17.43 -0.09
CA PHE A 249 -21.38 -16.31 -0.70
C PHE A 249 -20.09 -15.96 0.06
N PHE A 250 -20.19 -15.73 1.38
CA PHE A 250 -19.04 -15.37 2.20
C PHE A 250 -18.01 -16.47 2.34
N ALA A 251 -18.45 -17.74 2.26
CA ALA A 251 -17.58 -18.90 2.30
C ALA A 251 -16.75 -18.95 1.02
N SER A 252 -17.36 -18.52 -0.12
CA SER A 252 -16.77 -18.51 -1.45
C SER A 252 -15.73 -17.40 -1.71
N LEU A 253 -15.83 -16.25 -1.00
CA LEU A 253 -14.97 -15.09 -1.21
C LEU A 253 -13.47 -15.35 -1.05
N PRO A 254 -12.59 -14.63 -1.81
CA PRO A 254 -11.14 -14.77 -1.58
C PRO A 254 -10.76 -14.08 -0.26
N ASP A 255 -9.68 -14.53 0.39
CA ASP A 255 -9.24 -13.99 1.68
C ASP A 255 -9.02 -12.47 1.69
N ALA A 256 -8.70 -11.91 0.50
CA ALA A 256 -8.46 -10.48 0.29
C ALA A 256 -9.65 -9.59 0.67
N CYS A 257 -10.86 -10.11 0.51
CA CYS A 257 -12.12 -9.43 0.79
C CYS A 257 -12.36 -9.05 2.26
N PHE A 258 -11.74 -9.80 3.17
CA PHE A 258 -11.90 -9.61 4.62
C PHE A 258 -10.80 -8.75 5.25
N ILE A 259 -11.25 -7.87 6.16
CA ILE A 259 -10.45 -6.93 6.95
C ILE A 259 -9.55 -7.65 7.96
N ASP A 260 -9.95 -8.85 8.41
CA ASP A 260 -9.18 -9.64 9.37
C ASP A 260 -9.25 -11.12 9.02
N ASN A 261 -8.33 -11.93 9.57
CA ASN A 261 -8.32 -13.39 9.32
C ASN A 261 -9.62 -14.02 9.89
N GLU A 262 -9.97 -13.65 11.14
CA GLU A 262 -11.15 -14.16 11.82
C GLU A 262 -12.45 -13.53 11.32
N GLN A 263 -12.39 -12.51 10.44
CA GLN A 263 -13.59 -11.87 9.88
C GLN A 263 -14.44 -12.83 9.06
N ARG A 264 -13.83 -13.82 8.35
CA ARG A 264 -14.62 -14.79 7.58
C ARG A 264 -15.38 -15.70 8.52
N SER A 265 -14.63 -16.35 9.41
CA SER A 265 -15.06 -17.29 10.43
C SER A 265 -16.17 -16.71 11.31
N ASN A 266 -16.00 -15.43 11.72
CA ASN A 266 -16.99 -14.71 12.52
C ASN A 266 -18.25 -14.42 11.71
N THR A 267 -18.12 -13.94 10.44
CA THR A 267 -19.26 -13.66 9.57
C THR A 267 -20.12 -14.90 9.34
N LEU A 268 -19.46 -16.03 8.99
CA LEU A 268 -20.12 -17.33 8.77
C LEU A 268 -20.79 -17.87 10.03
N LEU A 269 -20.18 -17.64 11.23
CA LEU A 269 -20.73 -18.06 12.52
C LEU A 269 -22.04 -17.34 12.75
N MET A 270 -22.03 -16.02 12.50
CA MET A 270 -23.15 -15.12 12.65
C MET A 270 -24.30 -15.48 11.76
N ILE A 271 -24.03 -15.71 10.46
CA ILE A 271 -25.06 -16.13 9.51
C ILE A 271 -25.69 -17.45 9.99
N GLY A 272 -24.85 -18.38 10.45
CA GLY A 272 -25.26 -19.67 10.99
C GLY A 272 -26.10 -19.53 12.24
N LYS A 273 -25.73 -18.58 13.13
CA LYS A 273 -26.45 -18.24 14.37
C LYS A 273 -27.86 -17.71 14.04
N VAL A 274 -27.94 -16.84 12.99
CA VAL A 274 -29.18 -16.22 12.48
C VAL A 274 -30.08 -17.27 11.80
N ILE A 275 -29.50 -18.14 10.92
CA ILE A 275 -30.24 -19.22 10.25
C ILE A 275 -30.89 -20.13 11.32
N ASP A 276 -30.13 -20.42 12.42
CA ASP A 276 -30.57 -21.23 13.56
C ASP A 276 -31.68 -20.56 14.38
N TYR A 277 -31.60 -19.23 14.56
CA TYR A 277 -32.61 -18.45 15.29
C TYR A 277 -33.94 -18.39 14.54
N LYS A 278 -33.89 -18.18 13.22
CA LYS A 278 -35.06 -18.08 12.35
C LYS A 278 -35.83 -19.39 12.21
N GLU A 279 -35.13 -20.54 12.40
CA GLU A 279 -35.66 -21.89 12.29
C GLU A 279 -36.72 -22.27 13.36
N ASP A 280 -36.77 -21.53 14.49
CA ASP A 280 -37.74 -21.76 15.57
C ASP A 280 -38.95 -20.82 15.41
N VAL A 281 -38.68 -19.54 15.04
CA VAL A 281 -39.68 -18.49 14.84
C VAL A 281 -40.48 -18.74 13.56
N THR B 11 16.28 -5.70 -19.19
CA THR B 11 17.43 -5.08 -19.88
C THR B 11 18.31 -4.20 -18.97
N ILE B 12 19.56 -3.91 -19.39
CA ILE B 12 20.53 -3.06 -18.65
C ILE B 12 19.96 -1.64 -18.50
N GLU B 13 19.38 -1.12 -19.59
CA GLU B 13 18.75 0.19 -19.70
C GLU B 13 17.67 0.36 -18.62
N LYS B 14 16.73 -0.61 -18.52
CA LYS B 14 15.67 -0.60 -17.50
C LYS B 14 16.17 -0.96 -16.10
N LEU B 15 17.26 -1.77 -16.02
CA LEU B 15 17.91 -2.15 -14.75
C LEU B 15 18.36 -0.88 -14.02
N LEU B 16 19.07 0.03 -14.76
CA LEU B 16 19.51 1.31 -14.22
C LEU B 16 18.32 2.07 -13.65
N ASN B 17 17.21 2.16 -14.42
CA ASN B 17 16.02 2.86 -13.97
C ASN B 17 15.45 2.27 -12.66
N GLU B 18 15.42 0.91 -12.54
CA GLU B 18 14.97 0.17 -11.33
C GLU B 18 15.92 0.46 -10.17
N MET B 19 17.25 0.48 -10.45
CA MET B 19 18.28 0.79 -9.48
C MET B 19 18.09 2.21 -8.94
N GLN B 20 17.85 3.19 -9.82
CA GLN B 20 17.59 4.60 -9.47
C GLN B 20 16.25 4.75 -8.75
N GLU B 21 15.23 3.96 -9.15
CA GLU B 21 13.90 3.95 -8.55
C GLU B 21 14.03 3.46 -7.12
N LEU B 22 14.83 2.39 -6.91
CA LEU B 22 15.11 1.83 -5.58
C LEU B 22 15.92 2.82 -4.75
N LEU B 23 16.87 3.52 -5.42
CA LEU B 23 17.73 4.50 -4.81
C LEU B 23 17.01 5.71 -4.28
N THR B 24 15.83 6.03 -4.87
CA THR B 24 15.01 7.17 -4.44
C THR B 24 14.10 6.80 -3.30
N LEU B 25 13.78 5.48 -3.15
CA LEU B 25 12.98 4.97 -2.03
C LEU B 25 13.78 5.18 -0.74
N THR B 26 15.07 4.79 -0.74
CA THR B 26 16.04 5.02 0.35
C THR B 26 16.52 6.45 0.17
N ASP B 27 16.93 7.13 1.23
CA ASP B 27 17.47 8.48 1.05
C ASP B 27 18.81 8.60 1.75
N SER B 28 19.71 7.63 1.48
CA SER B 28 21.03 7.51 2.10
C SER B 28 21.85 8.77 2.07
N ASP B 29 22.21 9.21 3.28
CA ASP B 29 23.02 10.42 3.46
C ASP B 29 24.48 10.05 3.17
N LYS B 30 24.83 8.74 3.35
CA LYS B 30 26.15 8.15 3.02
C LYS B 30 26.54 8.56 1.59
N ILE B 31 25.63 8.38 0.63
CA ILE B 31 25.78 8.72 -0.77
C ILE B 31 26.09 10.21 -0.96
N LYS B 32 25.27 11.10 -0.34
CA LYS B 32 25.41 12.56 -0.46
C LYS B 32 26.70 13.09 0.22
N GLU B 33 27.17 12.41 1.31
CA GLU B 33 28.39 12.74 2.06
C GLU B 33 29.74 12.31 1.39
N LEU B 34 29.66 11.38 0.39
CA LEU B 34 30.80 10.85 -0.37
C LEU B 34 31.33 11.87 -1.32
N SER B 35 32.63 11.78 -1.65
CA SER B 35 33.18 12.59 -2.74
C SER B 35 33.30 11.60 -3.87
N LEU B 36 32.35 11.70 -4.81
CA LEU B 36 32.27 10.95 -6.05
C LEU B 36 33.29 11.57 -6.98
N LYS B 37 33.33 12.91 -7.02
CA LYS B 37 34.25 13.67 -7.85
C LYS B 37 35.66 13.12 -7.68
N ASN B 38 36.17 13.16 -6.44
CA ASN B 38 37.51 12.71 -6.15
C ASN B 38 37.69 11.23 -5.75
N SER B 39 36.62 10.41 -5.90
CA SER B 39 36.65 8.96 -5.68
C SER B 39 37.47 8.30 -6.77
N GLY B 40 37.36 8.86 -7.98
CA GLY B 40 38.05 8.42 -9.17
C GLY B 40 37.21 7.62 -10.14
N LEU B 41 35.97 7.24 -9.75
CA LEU B 41 35.06 6.44 -10.60
C LEU B 41 34.82 7.06 -11.98
N LEU B 42 34.75 8.42 -12.03
CA LEU B 42 34.50 9.21 -13.23
C LEU B 42 35.57 8.99 -14.27
N GLU B 43 36.81 8.86 -13.82
CA GLU B 43 37.98 8.66 -14.66
C GLU B 43 38.05 7.24 -15.27
N GLN B 44 37.49 6.20 -14.56
CA GLN B 44 37.49 4.79 -14.99
C GLN B 44 36.27 4.42 -15.85
N HIS B 45 36.46 4.35 -17.19
CA HIS B 45 35.40 4.03 -18.14
C HIS B 45 35.23 2.53 -18.41
N ASP B 46 36.23 1.72 -17.97
CA ASP B 46 36.24 0.26 -18.09
C ASP B 46 36.41 -0.29 -16.67
N PRO B 47 35.33 -0.34 -15.85
CA PRO B 47 35.47 -0.74 -14.45
C PRO B 47 35.28 -2.23 -14.13
N THR B 48 35.88 -2.63 -13.02
CA THR B 48 35.85 -3.97 -12.44
C THR B 48 35.50 -3.80 -10.95
N LEU B 49 35.24 -4.93 -10.27
CA LEU B 49 34.96 -4.88 -8.84
C LEU B 49 36.28 -4.94 -8.09
N ALA B 50 37.28 -5.50 -8.76
CA ALA B 50 38.62 -5.63 -8.21
C ALA B 50 39.23 -4.26 -7.89
N MET B 51 38.86 -3.22 -8.68
CA MET B 51 39.37 -1.85 -8.51
C MET B 51 39.06 -1.16 -7.19
N PHE B 52 38.09 -1.67 -6.40
CA PHE B 52 37.74 -1.11 -5.11
C PHE B 52 38.66 -1.64 -4.02
N GLY B 53 39.20 -2.84 -4.25
CA GLY B 53 40.10 -3.56 -3.36
C GLY B 53 39.47 -3.97 -2.05
N ASN B 54 40.25 -3.79 -0.96
CA ASN B 54 39.97 -4.12 0.44
C ASN B 54 38.69 -3.46 1.03
N MET B 55 38.05 -2.57 0.23
CA MET B 55 36.83 -1.86 0.58
C MET B 55 35.69 -2.82 0.91
N PRO B 56 34.89 -2.55 1.98
CA PRO B 56 33.74 -3.42 2.28
C PRO B 56 32.56 -3.19 1.33
N LYS B 57 31.69 -4.21 1.16
CA LYS B 57 30.43 -4.13 0.40
C LYS B 57 29.61 -3.11 1.19
N GLY B 58 28.91 -2.23 0.51
CA GLY B 58 28.19 -1.23 1.28
C GLY B 58 28.88 0.10 1.13
N GLU B 59 30.23 0.12 1.41
CA GLU B 59 31.05 1.29 1.12
C GLU B 59 31.14 1.33 -0.41
N ILE B 60 31.24 0.14 -1.06
CA ILE B 60 31.25 0.00 -2.51
C ILE B 60 29.85 0.28 -3.03
N VAL B 61 28.80 -0.28 -2.36
CA VAL B 61 27.40 -0.10 -2.77
C VAL B 61 27.02 1.39 -2.83
N ALA B 62 27.34 2.17 -1.76
CA ALA B 62 27.12 3.61 -1.72
C ALA B 62 27.88 4.28 -2.85
N LEU B 63 29.19 4.02 -2.92
CA LEU B 63 30.07 4.57 -3.92
C LEU B 63 29.57 4.37 -5.36
N ILE B 64 29.04 3.19 -5.71
CA ILE B 64 28.48 2.98 -7.04
C ILE B 64 27.22 3.81 -7.18
N SER B 65 26.28 3.65 -6.22
CA SER B 65 25.02 4.38 -6.14
C SER B 65 25.21 5.89 -6.32
N SER B 66 26.21 6.48 -5.67
CA SER B 66 26.48 7.91 -5.80
C SER B 66 26.72 8.35 -7.28
N LEU B 67 27.32 7.47 -8.11
CA LEU B 67 27.56 7.71 -9.53
C LEU B 67 26.22 7.57 -10.27
N LEU B 68 25.45 6.50 -9.96
CA LEU B 68 24.15 6.25 -10.59
C LEU B 68 23.16 7.39 -10.32
N GLN B 69 23.24 7.98 -9.11
CA GLN B 69 22.41 9.11 -8.71
C GLN B 69 22.90 10.47 -9.21
N SER B 70 24.16 10.55 -9.73
CA SER B 70 24.78 11.82 -10.16
C SER B 70 24.07 12.58 -11.25
N LYS B 71 23.82 13.88 -10.96
CA LYS B 71 23.11 14.80 -11.84
C LYS B 71 23.87 15.14 -13.12
N PHE B 72 25.19 14.89 -13.19
CA PHE B 72 25.99 15.22 -14.37
C PHE B 72 26.56 14.03 -15.15
N VAL B 73 26.71 12.87 -14.49
CA VAL B 73 27.31 11.67 -15.10
C VAL B 73 26.51 11.16 -16.31
N LYS B 74 27.22 10.80 -17.40
CA LYS B 74 26.62 10.26 -18.62
C LYS B 74 25.95 8.88 -18.35
N ILE B 75 24.78 8.64 -18.98
CA ILE B 75 24.00 7.40 -18.88
C ILE B 75 24.79 6.18 -19.38
N GLU B 76 25.73 6.39 -20.30
CA GLU B 76 26.60 5.35 -20.84
C GLU B 76 27.43 4.77 -19.70
N LEU B 77 28.07 5.65 -18.88
CA LEU B 77 28.89 5.27 -17.73
C LEU B 77 28.05 4.69 -16.58
N LYS B 78 26.85 5.26 -16.38
CA LYS B 78 25.91 4.82 -15.35
C LYS B 78 25.54 3.35 -15.60
N LYS B 79 25.33 2.98 -16.88
CA LYS B 79 25.02 1.61 -17.31
C LYS B 79 26.17 0.65 -16.99
N LYS B 80 27.43 1.08 -17.24
CA LYS B 80 28.64 0.30 -16.99
C LYS B 80 28.71 -0.04 -15.48
N TYR B 81 28.45 0.97 -14.63
CA TYR B 81 28.48 0.79 -13.18
C TYR B 81 27.29 0.03 -12.65
N ALA B 82 26.11 0.18 -13.29
CA ALA B 82 24.87 -0.50 -12.90
C ALA B 82 25.04 -2.03 -12.95
N LYS B 83 25.61 -2.52 -14.09
CA LYS B 83 25.92 -3.93 -14.35
C LYS B 83 26.91 -4.44 -13.29
N LEU B 84 27.90 -3.59 -12.96
CA LEU B 84 28.93 -3.90 -11.99
C LEU B 84 28.38 -4.12 -10.58
N LEU B 85 27.40 -3.27 -10.16
CA LEU B 85 26.73 -3.32 -8.85
C LEU B 85 25.93 -4.63 -8.78
N LEU B 86 25.25 -4.96 -9.89
CA LEU B 86 24.48 -6.18 -10.03
C LEU B 86 25.36 -7.42 -9.86
N ASP B 87 26.66 -7.33 -10.17
CA ASP B 87 27.59 -8.44 -10.00
C ASP B 87 27.99 -8.54 -8.53
N LEU B 88 28.21 -7.36 -7.88
CA LEU B 88 28.60 -7.28 -6.46
C LEU B 88 27.50 -7.85 -5.58
N LEU B 89 26.26 -7.41 -5.81
CA LEU B 89 25.06 -7.91 -5.15
C LEU B 89 24.75 -9.22 -5.88
N GLY B 90 23.95 -10.10 -5.30
CA GLY B 90 23.61 -11.32 -5.99
C GLY B 90 22.49 -11.07 -6.99
N GLU B 91 22.57 -11.67 -8.23
CA GLU B 91 21.54 -11.56 -9.29
C GLU B 91 20.12 -11.88 -8.77
N ASP B 92 20.02 -12.76 -7.75
CA ASP B 92 18.77 -13.17 -7.09
C ASP B 92 18.51 -12.24 -5.93
N ASP B 93 17.32 -11.61 -5.94
CA ASP B 93 16.85 -10.66 -4.91
C ASP B 93 17.78 -9.44 -4.72
N TRP B 94 18.46 -8.99 -5.82
CA TRP B 94 19.40 -7.85 -5.82
C TRP B 94 18.74 -6.57 -5.32
N GLU B 95 17.43 -6.41 -5.62
CA GLU B 95 16.62 -5.28 -5.23
C GLU B 95 16.65 -5.18 -3.72
N LEU B 96 16.30 -6.29 -3.07
CA LEU B 96 16.29 -6.37 -1.61
C LEU B 96 17.72 -6.18 -1.03
N ALA B 97 18.73 -6.74 -1.73
CA ALA B 97 20.12 -6.63 -1.35
C ALA B 97 20.57 -5.18 -1.36
N LEU B 98 20.24 -4.45 -2.46
CA LEU B 98 20.58 -3.04 -2.63
C LEU B 98 19.98 -2.23 -1.49
N LEU B 99 18.69 -2.47 -1.23
CA LEU B 99 17.97 -1.78 -0.18
C LEU B 99 18.53 -2.04 1.19
N SER B 100 19.02 -3.28 1.43
CA SER B 100 19.60 -3.70 2.70
C SER B 100 20.95 -3.02 2.93
N TRP B 101 21.88 -3.15 1.95
CA TRP B 101 23.23 -2.56 1.98
C TRP B 101 23.24 -1.05 2.10
N LEU B 102 22.20 -0.37 1.61
CA LEU B 102 22.09 1.08 1.75
C LEU B 102 21.35 1.46 3.02
N GLY B 103 20.27 0.72 3.34
CA GLY B 103 19.39 0.98 4.48
C GLY B 103 19.92 0.71 5.87
N VAL B 104 20.78 -0.32 6.03
CA VAL B 104 21.33 -0.71 7.33
C VAL B 104 22.83 -0.38 7.40
N GLY B 105 23.20 0.35 8.45
CA GLY B 105 24.57 0.79 8.73
C GLY B 105 25.52 -0.38 8.96
N GLU B 106 25.34 -1.11 10.08
CA GLU B 106 26.16 -2.29 10.32
C GLU B 106 25.37 -3.50 9.84
N LEU B 107 25.47 -3.76 8.54
CA LEU B 107 24.75 -4.87 7.95
C LEU B 107 25.58 -6.17 7.98
N ASN B 108 25.20 -7.04 8.94
CA ASN B 108 25.78 -8.34 9.23
C ASN B 108 24.83 -9.46 8.77
N GLN B 109 25.38 -10.69 8.57
CA GLN B 109 24.64 -11.85 8.09
C GLN B 109 23.35 -12.19 8.84
N GLU B 110 23.22 -11.79 10.12
CA GLU B 110 22.01 -11.98 10.92
C GLU B 110 20.89 -11.09 10.35
N GLY B 111 21.25 -9.85 10.01
CA GLY B 111 20.36 -8.86 9.42
C GLY B 111 19.95 -9.22 8.00
N ILE B 112 20.97 -9.50 7.14
CA ILE B 112 20.75 -9.87 5.74
C ILE B 112 19.88 -11.13 5.56
N GLN B 113 19.93 -12.09 6.50
CA GLN B 113 19.08 -13.27 6.48
C GLN B 113 17.71 -12.91 6.96
N LYS B 114 17.60 -12.12 8.07
CA LYS B 114 16.33 -11.71 8.67
C LYS B 114 15.50 -10.90 7.68
N ILE B 115 16.15 -9.92 7.00
CA ILE B 115 15.50 -9.07 6.02
C ILE B 115 14.92 -9.95 4.92
N LYS B 116 15.74 -10.89 4.40
CA LYS B 116 15.35 -11.86 3.39
C LYS B 116 14.16 -12.72 3.87
N LYS B 117 14.21 -13.18 5.14
CA LYS B 117 13.19 -14.00 5.78
C LYS B 117 11.86 -13.25 5.93
N LEU B 118 11.91 -11.98 6.35
CA LEU B 118 10.73 -11.14 6.55
C LEU B 118 10.05 -10.85 5.22
N TYR B 119 10.86 -10.62 4.18
CA TYR B 119 10.42 -10.34 2.82
C TYR B 119 9.70 -11.57 2.25
N GLU B 120 10.24 -12.77 2.57
CA GLU B 120 9.67 -14.04 2.15
C GLU B 120 8.29 -14.23 2.82
N LYS B 121 8.21 -13.85 4.12
CA LYS B 121 6.98 -13.89 4.93
C LYS B 121 5.91 -13.01 4.27
N ALA B 122 6.30 -11.79 3.84
CA ALA B 122 5.43 -10.84 3.16
C ALA B 122 4.91 -11.34 1.82
N LYS B 123 5.71 -12.13 1.10
CA LYS B 123 5.36 -12.63 -0.24
C LYS B 123 4.56 -13.94 -0.35
N ASP B 124 4.17 -14.54 0.82
CA ASP B 124 3.35 -15.76 0.90
C ASP B 124 1.92 -15.49 0.39
N ALA B 131 -0.10 -13.72 9.56
CA ALA B 131 0.73 -12.53 9.79
C ALA B 131 -0.08 -11.30 10.26
N SER B 132 0.18 -10.87 11.51
CA SER B 132 -0.48 -9.72 12.14
C SER B 132 0.56 -8.73 12.67
N LEU B 133 0.12 -7.52 13.13
CA LEU B 133 1.03 -6.50 13.69
C LEU B 133 2.11 -7.08 14.60
N LEU B 134 1.72 -7.94 15.52
CA LEU B 134 2.56 -8.52 16.55
C LEU B 134 3.61 -9.48 15.99
N ASP B 135 3.18 -10.41 15.10
CA ASP B 135 4.01 -11.41 14.43
C ASP B 135 5.22 -10.73 13.79
N TRP B 136 4.99 -9.56 13.16
CA TRP B 136 6.01 -8.72 12.53
C TRP B 136 6.95 -8.09 13.54
N PHE B 137 6.40 -7.51 14.64
CA PHE B 137 7.17 -6.91 15.72
C PHE B 137 8.06 -7.96 16.38
N MET B 138 7.50 -9.14 16.67
CA MET B 138 8.23 -10.22 17.32
C MET B 138 9.40 -10.75 16.52
N GLU B 139 9.37 -10.57 15.17
CA GLU B 139 10.46 -11.00 14.27
C GLU B 139 11.62 -10.00 14.33
N ILE B 140 11.32 -8.69 14.26
CA ILE B 140 12.25 -7.60 14.53
C ILE B 140 12.27 -7.54 16.11
N LYS B 141 12.91 -6.55 16.80
CA LYS B 141 13.01 -6.55 18.29
C LYS B 141 14.07 -7.61 18.58
N ASP B 142 15.24 -7.17 19.06
CA ASP B 142 16.46 -7.99 19.24
C ASP B 142 17.11 -7.99 17.85
N LEU B 143 16.88 -6.89 17.12
CA LEU B 143 17.41 -6.64 15.80
C LEU B 143 18.27 -5.39 15.88
N PRO B 144 19.54 -5.49 15.43
CA PRO B 144 20.48 -4.36 15.55
C PRO B 144 19.94 -2.94 15.40
N GLU B 145 19.60 -2.53 14.18
CA GLU B 145 19.10 -1.18 13.95
C GLU B 145 17.57 -1.13 13.80
N ARG B 146 16.93 -2.28 14.16
CA ARG B 146 15.50 -2.56 14.24
C ARG B 146 14.60 -1.87 13.20
N GLU B 147 14.28 -0.57 13.40
CA GLU B 147 13.43 0.21 12.49
C GLU B 147 14.02 0.36 11.08
N LYS B 148 15.36 0.44 10.97
CA LYS B 148 16.05 0.50 9.68
C LYS B 148 15.78 -0.80 8.91
N HIS B 149 15.93 -1.96 9.59
CA HIS B 149 15.64 -3.27 8.99
C HIS B 149 14.18 -3.32 8.47
N LEU B 150 13.23 -2.82 9.28
CA LEU B 150 11.80 -2.76 8.95
C LEU B 150 11.52 -1.84 7.74
N LYS B 151 12.15 -0.64 7.75
CA LYS B 151 12.05 0.35 6.68
C LYS B 151 12.53 -0.25 5.35
N VAL B 152 13.51 -1.21 5.38
CA VAL B 152 14.01 -1.93 4.20
C VAL B 152 12.82 -2.70 3.56
N ILE B 153 12.15 -3.56 4.36
CA ILE B 153 10.99 -4.35 3.90
C ILE B 153 9.89 -3.44 3.35
N ILE B 154 9.60 -2.33 4.04
CA ILE B 154 8.59 -1.37 3.57
C ILE B 154 8.91 -0.89 2.14
N ARG B 155 10.15 -0.42 1.92
CA ARG B 155 10.63 0.06 0.62
C ARG B 155 10.45 -1.01 -0.44
N ALA B 156 10.93 -2.24 -0.13
CA ALA B 156 10.87 -3.41 -0.99
C ALA B 156 9.43 -3.67 -1.42
N LEU B 157 8.52 -3.79 -0.45
CA LEU B 157 7.11 -4.04 -0.72
C LEU B 157 6.45 -2.94 -1.51
N SER B 158 6.73 -1.66 -1.18
CA SER B 158 6.16 -0.55 -1.96
C SER B 158 6.73 -0.47 -3.38
N PHE B 159 7.96 -0.98 -3.58
CA PHE B 159 8.55 -1.06 -4.90
C PHE B 159 7.78 -2.10 -5.72
N ASP B 160 7.61 -3.32 -5.14
CA ASP B 160 6.93 -4.45 -5.78
C ASP B 160 5.51 -4.14 -6.14
N LEU B 161 4.81 -3.39 -5.27
CA LEU B 161 3.40 -3.02 -5.43
C LEU B 161 3.08 -2.44 -6.82
N SER B 162 3.97 -1.58 -7.34
CA SER B 162 3.82 -0.97 -8.65
C SER B 162 4.04 -1.96 -9.84
N TYR B 163 4.30 -3.25 -9.55
CA TYR B 163 4.61 -4.26 -10.55
C TYR B 163 3.64 -5.42 -10.48
N MET B 164 2.80 -5.45 -9.43
CA MET B 164 1.82 -6.54 -9.18
C MET B 164 0.67 -6.50 -10.14
N SER B 165 0.24 -7.69 -10.60
CA SER B 165 -0.88 -7.79 -11.53
C SER B 165 -2.16 -8.00 -10.73
N SER B 166 -2.15 -9.01 -9.82
CA SER B 166 -3.29 -9.41 -9.00
C SER B 166 -3.66 -8.37 -7.97
N PHE B 167 -4.98 -8.07 -7.88
CA PHE B 167 -5.55 -7.17 -6.90
C PHE B 167 -5.53 -7.83 -5.54
N GLU B 168 -5.59 -9.17 -5.52
CA GLU B 168 -5.50 -10.00 -4.31
C GLU B 168 -4.10 -9.84 -3.70
N ASP B 169 -3.06 -9.82 -4.58
CA ASP B 169 -1.67 -9.62 -4.17
C ASP B 169 -1.51 -8.20 -3.68
N LYS B 170 -2.07 -7.22 -4.47
CA LYS B 170 -2.12 -5.80 -4.16
C LYS B 170 -2.73 -5.57 -2.79
N VAL B 171 -3.87 -6.22 -2.48
CA VAL B 171 -4.49 -6.09 -1.16
C VAL B 171 -3.51 -6.59 -0.11
N ARG B 172 -2.97 -7.83 -0.30
CA ARG B 172 -2.03 -8.47 0.64
C ARG B 172 -0.85 -7.53 0.98
N THR B 173 -0.16 -7.03 -0.03
CA THR B 173 1.01 -6.16 0.07
C THR B 173 0.71 -4.81 0.75
N SER B 174 -0.21 -4.00 0.17
CA SER B 174 -0.58 -2.67 0.68
C SER B 174 -1.00 -2.77 2.13
N SER B 175 -1.69 -3.88 2.46
CA SER B 175 -2.10 -4.19 3.82
C SER B 175 -0.88 -4.38 4.75
N ILE B 176 0.15 -5.15 4.31
CA ILE B 176 1.37 -5.37 5.10
C ILE B 176 2.13 -4.04 5.25
N ILE B 177 2.23 -3.25 4.16
CA ILE B 177 2.89 -1.93 4.19
C ILE B 177 2.30 -1.08 5.34
N SER B 178 0.95 -1.01 5.42
CA SER B 178 0.21 -0.29 6.46
C SER B 178 0.63 -0.77 7.84
N ASP B 179 0.62 -2.11 8.05
CA ASP B 179 0.97 -2.72 9.33
C ASP B 179 2.42 -2.50 9.71
N LEU B 180 3.33 -2.53 8.73
CA LEU B 180 4.73 -2.31 9.02
C LEU B 180 4.99 -0.86 9.39
N CYS B 181 4.34 0.08 8.69
CA CYS B 181 4.42 1.51 8.97
C CYS B 181 3.82 1.79 10.34
N ARG B 182 2.73 1.07 10.70
CA ARG B 182 2.06 1.15 11.98
C ARG B 182 3.09 0.84 13.09
N ILE B 183 3.83 -0.29 12.97
CA ILE B 183 4.88 -0.69 13.92
C ILE B 183 5.91 0.44 14.01
N ILE B 184 6.39 0.96 12.86
CA ILE B 184 7.34 2.07 12.80
C ILE B 184 6.85 3.25 13.70
N ILE B 185 5.54 3.62 13.59
CA ILE B 185 4.91 4.67 14.41
C ILE B 185 4.97 4.30 15.88
N PHE B 186 4.55 3.05 16.23
CA PHE B 186 4.58 2.55 17.60
C PHE B 186 5.98 2.59 18.24
N LEU B 187 7.03 2.23 17.48
CA LEU B 187 8.42 2.24 17.93
C LEU B 187 8.90 3.69 18.22
N SER B 188 8.47 4.63 17.36
CA SER B 188 8.77 6.06 17.44
C SER B 188 8.11 6.78 18.66
N LEU B 189 7.39 6.04 19.52
CA LEU B 189 6.70 6.63 20.67
C LEU B 189 7.46 6.42 22.00
N ASN B 190 7.28 7.37 22.94
CA ASN B 190 7.67 7.22 24.34
C ASN B 190 6.72 7.90 25.32
N ASN B 191 5.55 7.26 25.42
CA ASN B 191 4.43 7.60 26.28
C ASN B 191 4.24 6.50 27.29
N TYR B 192 4.97 5.37 27.17
CA TYR B 192 4.74 4.27 28.08
C TYR B 192 5.57 4.19 29.37
N THR B 193 6.41 5.20 29.61
CA THR B 193 7.26 5.38 30.79
C THR B 193 6.56 5.11 32.14
N ASP B 194 5.30 5.59 32.28
CA ASP B 194 4.48 5.44 33.50
C ASP B 194 3.89 4.03 33.64
N ILE B 195 3.64 3.37 32.50
CA ILE B 195 3.14 1.97 32.45
C ILE B 195 4.33 1.06 32.76
N ILE B 196 5.49 1.27 32.07
CA ILE B 196 6.76 0.54 32.27
C ILE B 196 7.15 0.64 33.76
N ALA B 197 6.90 1.82 34.37
CA ALA B 197 7.16 2.08 35.78
C ALA B 197 6.44 1.11 36.72
N ILE B 198 5.12 0.91 36.49
CA ILE B 198 4.27 0.04 37.32
C ILE B 198 4.34 -1.47 37.03
N SER B 199 5.14 -1.88 36.01
CA SER B 199 5.35 -3.29 35.63
C SER B 199 6.53 -3.91 36.40
N ILE B 200 6.37 -5.19 36.78
CA ILE B 200 7.37 -6.00 37.51
C ILE B 200 8.68 -6.18 36.65
N LYS B 201 8.50 -6.55 35.36
CA LYS B 201 9.56 -6.74 34.37
C LYS B 201 9.65 -5.38 33.70
N LYS B 202 10.52 -4.51 34.22
CA LYS B 202 10.59 -3.13 33.75
C LYS B 202 11.07 -2.89 32.31
N ASP B 203 10.51 -3.70 31.37
CA ASP B 203 10.78 -3.76 29.93
C ASP B 203 9.75 -2.97 29.13
N LYS B 204 10.24 -2.22 28.12
CA LYS B 204 9.43 -1.42 27.21
C LYS B 204 8.71 -2.37 26.24
N ASP B 205 9.46 -3.32 25.65
CA ASP B 205 8.98 -4.31 24.69
C ASP B 205 7.77 -5.14 25.18
N VAL B 206 7.73 -5.51 26.50
CA VAL B 206 6.61 -6.28 27.06
C VAL B 206 5.32 -5.46 27.05
N ILE B 207 5.44 -4.13 27.29
CA ILE B 207 4.35 -3.16 27.27
C ILE B 207 3.95 -2.93 25.81
N LEU B 208 4.94 -2.69 24.95
CA LEU B 208 4.78 -2.45 23.53
C LEU B 208 4.04 -3.61 22.85
N ASN B 209 4.40 -4.86 23.21
CA ASN B 209 3.74 -6.07 22.73
C ASN B 209 2.24 -6.00 23.08
N GLU B 210 1.92 -5.68 24.35
CA GLU B 210 0.55 -5.57 24.83
C GLU B 210 -0.28 -4.53 24.08
N MET B 211 0.33 -3.36 23.76
CA MET B 211 -0.34 -2.28 23.03
C MET B 211 -0.74 -2.80 21.67
N LEU B 212 0.18 -3.52 20.98
CA LEU B 212 -0.07 -4.11 19.67
C LEU B 212 -1.16 -5.18 19.70
N SER B 213 -1.25 -5.92 20.82
CA SER B 213 -2.28 -6.94 21.01
C SER B 213 -3.65 -6.32 21.09
N ILE B 214 -3.77 -5.17 21.77
CA ILE B 214 -5.04 -4.45 21.92
C ILE B 214 -5.55 -3.97 20.55
N ILE B 215 -4.58 -3.58 19.67
CA ILE B 215 -4.85 -3.12 18.30
C ILE B 215 -5.21 -4.34 17.43
N GLU B 216 -4.55 -5.48 17.67
CA GLU B 216 -4.79 -6.76 16.99
C GLU B 216 -6.20 -7.25 17.32
N HIS B 217 -6.57 -7.11 18.61
CA HIS B 217 -7.86 -7.46 19.16
C HIS B 217 -8.86 -6.39 18.80
N VAL B 218 -9.30 -6.43 17.52
CA VAL B 218 -10.34 -5.54 16.99
C VAL B 218 -11.65 -5.92 17.73
N TRP B 219 -11.84 -7.24 17.96
CA TRP B 219 -12.93 -7.81 18.73
C TRP B 219 -12.51 -7.87 20.20
N LEU B 220 -12.33 -6.67 20.78
CA LEU B 220 -11.93 -6.43 22.15
C LEU B 220 -13.05 -6.86 23.08
N THR B 221 -12.75 -7.82 23.95
CA THR B 221 -13.70 -8.36 24.93
C THR B 221 -13.34 -7.86 26.33
N GLU B 222 -14.36 -7.68 27.19
CA GLU B 222 -14.19 -7.22 28.57
C GLU B 222 -13.31 -8.22 29.32
N ASP B 223 -13.52 -9.53 29.06
CA ASP B 223 -12.81 -10.68 29.62
C ASP B 223 -11.33 -10.65 29.30
N TRP B 224 -11.00 -10.38 28.03
CA TRP B 224 -9.62 -10.31 27.57
C TRP B 224 -8.95 -9.08 28.14
N LEU B 225 -9.52 -7.89 27.88
CA LEU B 225 -9.00 -6.61 28.36
C LEU B 225 -8.75 -6.61 29.88
N LEU B 226 -9.64 -7.22 30.69
CA LEU B 226 -9.48 -7.29 32.14
C LEU B 226 -8.18 -7.99 32.60
N GLU B 227 -7.72 -9.00 31.86
CA GLU B 227 -6.49 -9.72 32.19
C GLU B 227 -5.21 -9.08 31.59
N SER B 228 -5.33 -7.83 31.08
CA SER B 228 -4.23 -7.08 30.49
C SER B 228 -3.10 -6.75 31.48
N PRO B 229 -3.34 -6.29 32.75
CA PRO B 229 -2.20 -6.00 33.64
C PRO B 229 -1.48 -7.25 34.12
N SER B 230 -2.14 -8.42 33.95
CA SER B 230 -1.62 -9.74 34.33
C SER B 230 -0.64 -10.25 33.28
N ARG B 231 -0.84 -9.86 32.00
CA ARG B 231 0.03 -10.26 30.90
C ARG B 231 1.34 -9.51 31.03
N VAL B 232 1.24 -8.17 31.24
CA VAL B 232 2.37 -7.25 31.39
C VAL B 232 2.99 -7.25 32.79
N SER B 233 2.44 -8.09 33.68
CA SER B 233 2.86 -8.26 35.07
C SER B 233 2.97 -6.89 35.76
N ILE B 234 1.82 -6.23 35.91
CA ILE B 234 1.72 -4.95 36.59
C ILE B 234 1.56 -5.31 38.06
N VAL B 235 2.28 -4.58 38.94
CA VAL B 235 2.20 -4.80 40.39
C VAL B 235 0.72 -4.72 40.80
N GLU B 236 0.22 -5.78 41.44
CA GLU B 236 -1.18 -6.01 41.82
C GLU B 236 -2.00 -4.80 42.29
N ASP B 237 -1.44 -3.99 43.21
CA ASP B 237 -2.06 -2.80 43.78
C ASP B 237 -2.25 -1.62 42.79
N LYS B 238 -1.56 -1.65 41.65
CA LYS B 238 -1.61 -0.57 40.67
C LYS B 238 -2.32 -0.93 39.33
N HIS B 239 -3.17 -1.99 39.32
CA HIS B 239 -3.96 -2.48 38.18
C HIS B 239 -5.03 -1.48 37.68
N VAL B 240 -5.75 -0.83 38.58
CA VAL B 240 -6.75 0.17 38.20
C VAL B 240 -6.06 1.34 37.49
N TYR B 241 -5.02 1.91 38.15
CA TYR B 241 -4.17 2.99 37.67
C TYR B 241 -3.64 2.65 36.29
N TYR B 242 -3.26 1.36 36.07
CA TYR B 242 -2.79 0.84 34.78
C TYR B 242 -3.81 1.14 33.72
N PHE B 243 -5.09 0.80 33.97
CA PHE B 243 -6.17 1.03 33.02
C PHE B 243 -6.39 2.51 32.75
N HIS B 244 -6.21 3.37 33.78
CA HIS B 244 -6.31 4.82 33.63
C HIS B 244 -5.22 5.37 32.70
N LEU B 245 -4.00 4.79 32.78
CA LEU B 245 -2.85 5.15 31.97
C LEU B 245 -3.01 4.64 30.55
N LEU B 246 -3.74 3.53 30.41
CA LEU B 246 -4.04 2.83 29.16
C LEU B 246 -5.02 3.62 28.35
N LYS B 247 -6.06 4.17 29.01
CA LYS B 247 -7.07 5.01 28.39
C LYS B 247 -6.35 6.25 27.87
N GLU B 248 -5.52 6.87 28.75
CA GLU B 248 -4.68 8.05 28.50
C GLU B 248 -3.77 7.83 27.28
N PHE B 249 -3.16 6.63 27.18
CA PHE B 249 -2.27 6.21 26.11
C PHE B 249 -3.00 6.11 24.77
N PHE B 250 -4.11 5.34 24.72
CA PHE B 250 -4.89 5.14 23.50
C PHE B 250 -5.58 6.39 22.98
N ALA B 251 -5.92 7.31 23.90
CA ALA B 251 -6.52 8.59 23.58
C ALA B 251 -5.48 9.46 22.88
N SER B 252 -4.20 9.33 23.30
CA SER B 252 -3.06 10.10 22.79
C SER B 252 -2.54 9.67 21.40
N LEU B 253 -2.74 8.40 21.01
CA LEU B 253 -2.22 7.84 19.76
C LEU B 253 -2.67 8.56 18.49
N PRO B 254 -1.82 8.59 17.41
CA PRO B 254 -2.29 9.15 16.12
C PRO B 254 -3.28 8.19 15.47
N ASP B 255 -4.20 8.73 14.64
CA ASP B 255 -5.23 7.91 13.97
C ASP B 255 -4.69 6.72 13.17
N ALA B 256 -3.44 6.85 12.70
CA ALA B 256 -2.75 5.82 11.90
C ALA B 256 -2.60 4.49 12.61
N CYS B 257 -2.48 4.53 13.94
CA CYS B 257 -2.30 3.37 14.82
C CYS B 257 -3.48 2.40 14.84
N PHE B 258 -4.69 2.89 14.54
CA PHE B 258 -5.91 2.09 14.58
C PHE B 258 -6.32 1.52 13.22
N ILE B 259 -6.76 0.26 13.24
CA ILE B 259 -7.24 -0.57 12.14
C ILE B 259 -8.57 -0.02 11.58
N ASP B 260 -9.38 0.63 12.38
CA ASP B 260 -10.65 1.20 11.96
C ASP B 260 -10.85 2.56 12.62
N ASN B 261 -11.78 3.39 12.08
CA ASN B 261 -12.09 4.69 12.67
C ASN B 261 -12.67 4.52 14.10
N GLU B 262 -13.64 3.58 14.23
CA GLU B 262 -14.29 3.29 15.51
C GLU B 262 -13.43 2.47 16.47
N GLN B 263 -12.25 2.00 16.02
CA GLN B 263 -11.34 1.24 16.87
C GLN B 263 -10.84 2.04 18.08
N ARG B 264 -10.63 3.36 17.93
CA ARG B 264 -10.19 4.18 19.08
C ARG B 264 -11.29 4.26 20.11
N SER B 265 -12.46 4.75 19.65
CA SER B 265 -13.69 4.96 20.41
C SER B 265 -14.14 3.69 21.14
N ASN B 266 -14.06 2.53 20.46
CA ASN B 266 -14.38 1.23 21.04
C ASN B 266 -13.36 0.83 22.10
N THR B 267 -12.03 0.98 21.83
CA THR B 267 -10.96 0.65 22.79
C THR B 267 -11.11 1.46 24.09
N LEU B 268 -11.31 2.79 23.96
CA LEU B 268 -11.50 3.69 25.10
C LEU B 268 -12.77 3.38 25.89
N LEU B 269 -13.86 2.94 25.19
CA LEU B 269 -15.13 2.55 25.82
C LEU B 269 -14.89 1.36 26.72
N MET B 270 -14.18 0.36 26.18
CA MET B 270 -13.81 -0.88 26.82
C MET B 270 -12.96 -0.67 28.05
N ILE B 271 -11.91 0.16 27.95
CA ILE B 271 -11.06 0.49 29.09
C ILE B 271 -11.92 1.15 30.18
N GLY B 272 -12.81 2.06 29.78
CA GLY B 272 -13.76 2.75 30.66
C GLY B 272 -14.73 1.79 31.33
N LYS B 273 -15.22 0.78 30.58
CA LYS B 273 -16.13 -0.29 31.03
C LYS B 273 -15.43 -1.13 32.10
N VAL B 274 -14.14 -1.47 31.86
CA VAL B 274 -13.28 -2.26 32.74
C VAL B 274 -12.94 -1.48 34.03
N ILE B 275 -12.56 -0.19 33.91
CA ILE B 275 -12.30 0.66 35.08
C ILE B 275 -13.55 0.63 35.97
N ASP B 276 -14.73 0.86 35.36
CA ASP B 276 -16.02 0.89 36.03
C ASP B 276 -16.37 -0.43 36.72
N TYR B 277 -16.02 -1.57 36.10
CA TYR B 277 -16.25 -2.91 36.67
C TYR B 277 -15.37 -3.17 37.89
N LYS B 278 -14.09 -2.78 37.82
CA LYS B 278 -13.10 -2.97 38.88
C LYS B 278 -13.39 -2.11 40.13
N GLU B 279 -14.13 -1.00 39.96
CA GLU B 279 -14.51 -0.06 41.01
C GLU B 279 -15.51 -0.61 42.06
#